data_7RUZ
#
_entry.id   7RUZ
#
_cell.length_a   30.593
_cell.length_b   72.550
_cell.length_c   55.409
_cell.angle_alpha   90.000
_cell.angle_beta   107.183
_cell.angle_gamma   90.000
#
_symmetry.space_group_name_H-M   'C 1 2 1'
#
loop_
_entity.id
_entity.type
_entity.pdbx_description
1 polymer 'B-cell lymphoma 6 protein'
2 non-polymer 2-[2-(benzylamino)-4-oxo-3,4-dihydro-7H-pyrrolo[2,3-d]pyrimidin-7-yl]-N-(3-chloropyridin-4-yl)acetamide
3 non-polymer 'FORMIC ACID'
4 non-polymer 'CHLORIDE ION'
5 water water
#
_entity_poly.entity_id   1
_entity_poly.type   'polypeptide(L)'
_entity_poly.pdbx_seq_one_letter_code
;GSADSQIQFTRHASDVLLNLNRLRSRDILTDVVIVVSREQFRAHKTVLMACSGLFYSIFTDQLKRNLSVINLDPEINPEG
FNILLDFMYTSRLNLREGNIMAVMATAMYLQMEHVVDTCRKFIKASE
;
_entity_poly.pdbx_strand_id   A
#
loop_
_chem_comp.id
_chem_comp.type
_chem_comp.name
_chem_comp.formula
7S5 non-polymer 2-[2-(benzylamino)-4-oxo-3,4-dihydro-7H-pyrrolo[2,3-d]pyrimidin-7-yl]-N-(3-chloropyridin-4-yl)acetamide 'C20 H17 Cl N6 O2'
CL non-polymer 'CHLORIDE ION' 'Cl -1'
FMT non-polymer 'FORMIC ACID' 'C H2 O2'
#
# COMPACT_ATOMS: atom_id res chain seq x y z
N SER A 5 -3.26 -19.88 25.70
CA SER A 5 -2.29 -20.86 26.18
C SER A 5 -0.96 -20.68 25.44
N GLN A 6 -1.01 -20.18 24.21
CA GLN A 6 0.17 -20.12 23.37
C GLN A 6 1.07 -18.93 23.71
N ILE A 7 2.38 -19.10 23.48
CA ILE A 7 3.37 -18.05 23.69
C ILE A 7 3.29 -17.02 22.57
N GLN A 8 3.23 -15.74 22.96
CA GLN A 8 3.14 -14.63 22.01
C GLN A 8 4.50 -13.98 21.81
N PHE A 9 4.96 -13.98 20.57
CA PHE A 9 6.14 -13.21 20.16
C PHE A 9 5.69 -11.84 19.72
N THR A 10 5.96 -10.82 20.55
CA THR A 10 5.35 -9.51 20.31
C THR A 10 6.03 -8.70 19.21
N ARG A 11 7.21 -9.10 18.73
CA ARG A 11 7.90 -8.43 17.64
C ARG A 11 7.87 -9.22 16.33
N HIS A 12 7.24 -10.39 16.33
CA HIS A 12 7.34 -11.27 15.18
C HIS A 12 6.68 -10.65 13.95
N ALA A 13 5.52 -10.03 14.12
CA ALA A 13 4.82 -9.51 12.94
C ALA A 13 5.61 -8.42 12.28
N SER A 14 6.11 -7.48 13.10
CA SER A 14 6.94 -6.40 12.56
CA SER A 14 6.96 -6.41 12.60
C SER A 14 8.21 -6.95 11.94
N ASP A 15 8.83 -7.97 12.55
CA ASP A 15 10.00 -8.59 11.92
C ASP A 15 9.65 -9.17 10.54
N VAL A 16 8.53 -9.89 10.43
CA VAL A 16 8.06 -10.39 9.14
C VAL A 16 7.90 -9.25 8.17
N LEU A 17 7.20 -8.17 8.57
CA LEU A 17 6.96 -7.10 7.61
C LEU A 17 8.26 -6.48 7.15
N LEU A 18 9.20 -6.32 8.07
CA LEU A 18 10.51 -5.76 7.75
C LEU A 18 11.21 -6.63 6.72
N ASN A 19 11.19 -7.93 6.93
CA ASN A 19 11.81 -8.83 5.98
C ASN A 19 11.08 -8.83 4.64
N LEU A 20 9.75 -8.62 4.63
CA LEU A 20 9.03 -8.60 3.37
C LEU A 20 9.39 -7.34 2.59
N ASN A 21 9.64 -6.25 3.32
CA ASN A 21 10.09 -5.02 2.69
C ASN A 21 11.50 -5.20 2.13
N ARG A 22 12.35 -5.95 2.83
CA ARG A 22 13.67 -6.19 2.30
C ARG A 22 13.60 -7.01 1.04
N LEU A 23 12.69 -7.98 1.01
CA LEU A 23 12.47 -8.76 -0.21
C LEU A 23 12.01 -7.87 -1.36
N ARG A 24 11.07 -6.96 -1.10
CA ARG A 24 10.68 -6.02 -2.14
C ARG A 24 11.86 -5.20 -2.61
N SER A 25 12.66 -4.71 -1.66
CA SER A 25 13.83 -3.89 -1.99
C SER A 25 14.77 -4.61 -2.95
N ARG A 26 14.82 -5.94 -2.87
CA ARG A 26 15.63 -6.75 -3.76
C ARG A 26 14.86 -7.37 -4.92
N ASP A 27 13.58 -7.03 -5.09
CA ASP A 27 12.78 -7.57 -6.18
C ASP A 27 12.72 -9.10 -6.11
N ILE A 28 12.77 -9.65 -4.90
CA ILE A 28 12.64 -11.08 -4.71
C ILE A 28 11.17 -11.46 -4.55
N LEU A 29 10.68 -12.26 -5.48
CA LEU A 29 9.33 -12.85 -5.51
C LEU A 29 8.22 -11.81 -5.64
N THR A 30 8.54 -10.57 -6.00
CA THR A 30 7.54 -9.62 -6.43
C THR A 30 6.86 -10.21 -7.65
N ASP A 31 5.56 -10.04 -7.70
CA ASP A 31 4.76 -10.67 -8.73
C ASP A 31 3.82 -9.69 -9.40
N VAL A 32 3.94 -8.38 -9.13
CA VAL A 32 3.10 -7.41 -9.82
C VAL A 32 3.85 -6.10 -9.93
N VAL A 33 3.56 -5.37 -11.01
CA VAL A 33 4.02 -4.01 -11.18
CA VAL A 33 4.03 -4.01 -11.22
C VAL A 33 2.78 -3.12 -11.21
N ILE A 34 2.80 -2.08 -10.39
CA ILE A 34 1.71 -1.11 -10.31
C ILE A 34 2.18 0.11 -11.09
N VAL A 35 1.45 0.50 -12.14
CA VAL A 35 1.82 1.66 -12.95
C VAL A 35 0.94 2.82 -12.50
N VAL A 36 1.56 3.94 -12.18
CA VAL A 36 0.85 5.12 -11.70
C VAL A 36 1.39 6.25 -12.56
N SER A 37 0.66 6.64 -13.59
CA SER A 37 1.09 7.69 -14.51
C SER A 37 2.42 7.26 -15.11
N ARG A 38 3.52 7.98 -14.94
CA ARG A 38 4.75 7.60 -15.62
C ARG A 38 5.69 6.75 -14.78
N GLU A 39 5.30 6.42 -13.53
CA GLU A 39 6.12 5.65 -12.61
C GLU A 39 5.62 4.21 -12.46
N GLN A 40 6.54 3.31 -12.12
CA GLN A 40 6.22 1.89 -11.95
C GLN A 40 6.68 1.47 -10.56
N PHE A 41 5.92 0.59 -9.90
CA PHE A 41 6.26 0.11 -8.56
C PHE A 41 6.05 -1.39 -8.51
N ARG A 42 7.08 -2.13 -8.15
CA ARG A 42 6.93 -3.57 -7.98
C ARG A 42 6.58 -3.91 -6.54
N ALA A 43 5.78 -4.96 -6.38
CA ALA A 43 5.28 -5.29 -5.05
C ALA A 43 4.89 -6.76 -5.04
N HIS A 44 4.50 -7.22 -3.87
CA HIS A 44 3.92 -8.56 -3.67
C HIS A 44 2.41 -8.42 -3.55
N LYS A 45 1.66 -9.12 -4.42
CA LYS A 45 0.20 -9.06 -4.36
C LYS A 45 -0.30 -9.40 -2.97
N THR A 46 0.30 -10.39 -2.31
CA THR A 46 -0.22 -10.78 -1.01
C THR A 46 -0.19 -9.58 -0.06
N VAL A 47 0.88 -8.76 -0.11
CA VAL A 47 0.97 -7.62 0.79
C VAL A 47 -0.07 -6.58 0.42
N LEU A 48 -0.21 -6.32 -0.88
CA LEU A 48 -1.18 -5.37 -1.37
C LEU A 48 -2.56 -5.73 -0.92
N MET A 49 -2.92 -7.00 -1.11
CA MET A 49 -4.23 -7.50 -0.69
C MET A 49 -4.42 -7.35 0.81
N ALA A 50 -3.37 -7.54 1.59
CA ALA A 50 -3.50 -7.44 3.03
C ALA A 50 -3.76 -6.01 3.48
N CYS A 51 -3.44 -5.01 2.65
CA CYS A 51 -3.41 -3.64 3.12
C CYS A 51 -4.40 -2.72 2.45
N SER A 52 -5.02 -3.17 1.36
CA SER A 52 -5.81 -2.32 0.49
C SER A 52 -7.07 -3.04 0.06
N GLY A 53 -8.24 -2.39 0.25
CA GLY A 53 -9.46 -2.98 -0.26
C GLY A 53 -9.54 -3.04 -1.77
N LEU A 54 -8.91 -2.09 -2.45
CA LEU A 54 -8.89 -2.14 -3.91
C LEU A 54 -8.10 -3.33 -4.39
N PHE A 55 -6.88 -3.52 -3.86
CA PHE A 55 -6.10 -4.67 -4.34
C PHE A 55 -6.67 -6.01 -3.86
N TYR A 56 -7.21 -6.07 -2.67
CA TYR A 56 -7.93 -7.27 -2.24
C TYR A 56 -9.01 -7.64 -3.24
N SER A 57 -9.85 -6.68 -3.59
CA SER A 57 -10.97 -6.96 -4.48
CA SER A 57 -10.97 -7.00 -4.46
C SER A 57 -10.50 -7.35 -5.87
N ILE A 58 -9.43 -6.71 -6.35
CA ILE A 58 -8.90 -7.06 -7.65
C ILE A 58 -8.42 -8.49 -7.64
N PHE A 59 -7.48 -8.79 -6.77
CA PHE A 59 -6.79 -10.09 -6.88
C PHE A 59 -7.57 -11.29 -6.31
N THR A 60 -8.62 -11.10 -5.48
CA THR A 60 -9.45 -12.27 -5.08
C THR A 60 -10.30 -12.76 -6.23
N ASP A 61 -10.47 -11.92 -7.25
CA ASP A 61 -11.23 -12.22 -8.46
C ASP A 61 -10.38 -13.10 -9.36
N GLN A 62 -10.75 -14.39 -9.47
CA GLN A 62 -9.91 -15.29 -10.25
C GLN A 62 -9.77 -14.79 -11.67
N LEU A 63 -10.64 -13.90 -12.11
CA LEU A 63 -10.50 -13.31 -13.42
C LEU A 63 -9.29 -12.39 -13.48
N LYS A 64 -8.91 -11.76 -12.35
CA LYS A 64 -7.84 -10.79 -12.34
C LYS A 64 -6.63 -11.26 -11.52
N ARG A 65 -6.77 -12.36 -10.83
CA ARG A 65 -5.74 -12.72 -9.87
C ARG A 65 -4.36 -12.96 -10.47
N ASN A 66 -4.22 -13.30 -11.76
CA ASN A 66 -2.92 -13.54 -12.35
C ASN A 66 -2.38 -12.34 -13.13
N LEU A 67 -3.08 -11.22 -13.09
CA LEU A 67 -2.53 -10.03 -13.70
C LEU A 67 -1.13 -9.77 -13.17
N SER A 68 -0.22 -9.45 -14.05
CA SER A 68 1.12 -9.10 -13.64
C SER A 68 1.34 -7.59 -13.66
N VAL A 69 0.44 -6.84 -14.30
CA VAL A 69 0.56 -5.36 -14.43
C VAL A 69 -0.81 -4.78 -14.06
N ILE A 70 -0.84 -3.80 -13.16
CA ILE A 70 -2.05 -3.06 -12.80
C ILE A 70 -1.79 -1.59 -13.14
N ASN A 71 -2.61 -1.03 -14.05
CA ASN A 71 -2.56 0.40 -14.34
C ASN A 71 -3.56 1.12 -13.45
N LEU A 72 -3.07 1.95 -12.55
CA LEU A 72 -3.98 2.67 -11.70
C LEU A 72 -4.61 3.84 -12.44
N ASP A 73 -5.65 4.37 -11.82
CA ASP A 73 -6.32 5.58 -12.28
CA ASP A 73 -6.32 5.58 -12.28
C ASP A 73 -5.27 6.63 -12.62
N PRO A 74 -5.27 7.18 -13.84
CA PRO A 74 -4.24 8.16 -14.22
C PRO A 74 -4.21 9.41 -13.36
N GLU A 75 -5.32 9.78 -12.75
CA GLU A 75 -5.37 10.93 -11.86
C GLU A 75 -4.64 10.69 -10.54
N ILE A 76 -4.33 9.44 -10.19
CA ILE A 76 -3.68 9.16 -8.93
C ILE A 76 -2.26 9.71 -9.00
N ASN A 77 -1.85 10.33 -7.94
CA ASN A 77 -0.54 10.95 -7.83
C ASN A 77 0.46 9.90 -7.41
N PRO A 78 1.56 9.73 -8.15
CA PRO A 78 2.52 8.67 -7.79
C PRO A 78 3.15 8.88 -6.43
N GLU A 79 3.40 10.12 -6.03
CA GLU A 79 3.97 10.34 -4.70
C GLU A 79 2.99 9.84 -3.65
N GLY A 80 1.71 10.10 -3.84
CA GLY A 80 0.75 9.62 -2.87
C GLY A 80 0.77 8.11 -2.82
N PHE A 81 0.77 7.50 -3.99
CA PHE A 81 0.84 6.05 -4.04
C PHE A 81 2.11 5.56 -3.37
N ASN A 82 3.24 6.16 -3.72
CA ASN A 82 4.50 5.71 -3.16
C ASN A 82 4.53 5.83 -1.63
N ILE A 83 3.93 6.87 -1.07
CA ILE A 83 3.86 7.03 0.38
C ILE A 83 3.04 5.91 0.99
N LEU A 84 1.97 5.50 0.30
CA LEU A 84 1.08 4.47 0.83
C LEU A 84 1.70 3.09 0.70
N LEU A 85 2.43 2.85 -0.38
CA LEU A 85 3.12 1.58 -0.55
C LEU A 85 4.20 1.43 0.49
N ASP A 86 4.97 2.49 0.73
CA ASP A 86 5.94 2.45 1.82
CA ASP A 86 5.94 2.47 1.83
C ASP A 86 5.24 2.13 3.14
N PHE A 87 4.10 2.78 3.42
CA PHE A 87 3.35 2.51 4.63
C PHE A 87 2.99 1.03 4.73
N MET A 88 2.43 0.45 3.66
CA MET A 88 2.05 -0.96 3.63
C MET A 88 3.14 -1.83 4.18
N TYR A 89 4.38 -1.56 3.77
CA TYR A 89 5.54 -2.40 4.05
C TYR A 89 6.29 -1.99 5.30
N THR A 90 5.95 -0.86 5.90
CA THR A 90 6.71 -0.38 7.07
C THR A 90 5.88 -0.04 8.31
N SER A 91 4.57 0.12 8.21
CA SER A 91 3.70 0.61 9.28
C SER A 91 3.96 2.06 9.65
N ARG A 92 4.77 2.79 8.90
CA ARG A 92 5.05 4.20 9.14
C ARG A 92 4.49 5.01 7.97
N LEU A 93 3.65 5.99 8.30
CA LEU A 93 2.99 6.84 7.32
C LEU A 93 3.62 8.24 7.34
N ASN A 94 4.24 8.60 6.22
CA ASN A 94 4.92 9.90 6.05
C ASN A 94 3.91 10.96 5.63
N LEU A 95 3.11 11.37 6.59
CA LEU A 95 2.11 12.41 6.37
C LEU A 95 2.71 13.79 6.67
N ARG A 96 2.56 14.72 5.71
CA ARG A 96 3.08 16.07 5.85
C ARG A 96 2.12 17.06 5.21
N GLU A 97 2.22 18.31 5.66
CA GLU A 97 1.40 19.38 5.10
C GLU A 97 1.49 19.39 3.57
N GLY A 98 2.68 19.18 3.04
CA GLY A 98 2.78 19.23 1.60
C GLY A 98 2.12 18.06 0.89
N ASN A 99 1.66 17.04 1.63
CA ASN A 99 1.14 15.84 0.98
C ASN A 99 -0.15 15.29 1.54
N ILE A 100 -0.78 15.91 2.54
CA ILE A 100 -1.91 15.28 3.20
C ILE A 100 -3.02 15.02 2.20
N MET A 101 -3.25 15.95 1.27
CA MET A 101 -4.41 15.83 0.40
C MET A 101 -4.23 14.72 -0.62
N ALA A 102 -3.03 14.63 -1.21
CA ALA A 102 -2.76 13.59 -2.20
C ALA A 102 -2.74 12.21 -1.54
N VAL A 103 -2.25 12.14 -0.29
CA VAL A 103 -2.26 10.86 0.43
C VAL A 103 -3.67 10.45 0.76
N MET A 104 -4.47 11.38 1.29
CA MET A 104 -5.84 11.05 1.69
CA MET A 104 -5.81 10.97 1.70
C MET A 104 -6.64 10.57 0.48
N ALA A 105 -6.55 11.30 -0.62
CA ALA A 105 -7.34 10.92 -1.80
C ALA A 105 -6.85 9.62 -2.40
N THR A 106 -5.53 9.37 -2.35
CA THR A 106 -5.00 8.09 -2.82
C THR A 106 -5.47 6.96 -1.91
N ALA A 107 -5.49 7.20 -0.58
CA ALA A 107 -5.95 6.17 0.34
C ALA A 107 -7.44 5.91 0.17
N MET A 108 -8.22 6.93 -0.19
CA MET A 108 -9.62 6.66 -0.50
C MET A 108 -9.71 5.70 -1.70
N TYR A 109 -8.96 5.98 -2.74
CA TYR A 109 -9.03 5.19 -3.97
C TYR A 109 -8.55 3.77 -3.70
N LEU A 110 -7.53 3.62 -2.87
CA LEU A 110 -7.06 2.28 -2.57
C LEU A 110 -7.87 1.57 -1.48
N GLN A 111 -8.88 2.22 -0.92
CA GLN A 111 -9.75 1.65 0.10
C GLN A 111 -8.95 1.21 1.32
N MET A 112 -8.23 2.17 1.88
CA MET A 112 -7.41 2.00 3.10
C MET A 112 -8.08 2.89 4.14
N GLU A 113 -9.17 2.40 4.75
CA GLU A 113 -10.04 3.28 5.52
C GLU A 113 -9.40 3.75 6.83
N HIS A 114 -8.67 2.88 7.52
CA HIS A 114 -7.97 3.34 8.72
C HIS A 114 -7.02 4.48 8.37
N VAL A 115 -6.36 4.40 7.21
CA VAL A 115 -5.46 5.47 6.79
C VAL A 115 -6.27 6.73 6.50
N VAL A 116 -7.38 6.59 5.78
CA VAL A 116 -8.21 7.75 5.51
C VAL A 116 -8.69 8.35 6.83
N ASP A 117 -9.17 7.50 7.73
CA ASP A 117 -9.59 7.95 9.05
C ASP A 117 -8.47 8.70 9.76
N THR A 118 -7.26 8.18 9.69
CA THR A 118 -6.11 8.85 10.28
C THR A 118 -5.81 10.15 9.57
N CYS A 119 -6.05 10.21 8.25
CA CYS A 119 -5.78 11.43 7.51
C CYS A 119 -6.73 12.54 7.94
N ARG A 120 -7.95 12.16 8.30
CA ARG A 120 -8.93 13.14 8.78
C ARG A 120 -8.51 13.66 10.16
N LYS A 121 -8.07 12.78 11.04
CA LYS A 121 -7.58 13.23 12.33
C LYS A 121 -6.43 14.22 12.15
N PHE A 122 -5.63 14.01 11.11
CA PHE A 122 -4.48 14.86 10.88
C PHE A 122 -4.89 16.26 10.49
N ILE A 123 -5.88 16.36 9.59
CA ILE A 123 -6.45 17.66 9.24
C ILE A 123 -7.01 18.34 10.48
N LYS A 124 -7.72 17.57 11.30
CA LYS A 124 -8.32 18.11 12.51
C LYS A 124 -7.26 18.53 13.53
N ALA A 125 -6.18 17.77 13.65
CA ALA A 125 -5.04 18.21 14.44
C ALA A 125 -4.23 19.29 13.73
N SER A 126 -4.71 19.75 12.58
CA SER A 126 -4.29 20.98 11.93
C SER A 126 -3.23 20.76 10.87
C10 7S5 B . -12.53 -7.43 3.95
C10 7S5 B . -14.64 1.45 0.28
C11 7S5 B . -13.37 -6.35 4.29
C11 7S5 B . -13.79 1.27 1.39
C12 7S5 B . -13.47 -5.24 3.42
C12 7S5 B . -13.46 -0.02 1.82
C14 7S5 B . -9.03 -3.44 3.50
C14 7S5 B . -8.90 -3.44 3.45
C02 7S5 B . -10.04 -1.47 4.46
C02 7S5 B . -9.97 -1.35 4.18
C04 7S5 B . -11.40 -2.70 2.89
C04 7S5 B . -11.23 -2.84 2.63
C06 7S5 B . -12.79 -4.04 1.25
C06 7S5 B . -13.67 -2.54 1.60
C07 7S5 B . -12.73 -5.24 2.20
C07 7S5 B . -13.97 -1.14 1.16
C08 7S5 B . -11.87 -6.31 1.90
C08 7S5 B . -14.84 -0.95 0.06
C09 7S5 B . -11.78 -7.40 2.75
C09 7S5 B . -15.18 0.33 -0.37
C15 7S5 B . -8.90 -2.39 4.34
C15 7S5 B . -8.82 -2.29 4.19
C16 7S5 B . -7.63 -2.44 4.93
C16 7S5 B . -7.58 -2.26 4.83
C17 7S5 B . -7.00 -3.55 4.42
C17 7S5 B . -6.91 -3.43 4.46
C19 7S5 B . -7.59 -5.35 2.82
C19 7S5 B . -7.43 -5.38 3.02
C20 7S5 B . -8.08 -6.63 3.53
C20 7S5 B . -8.02 -6.64 3.65
C22 7S5 B . -8.13 -9.26 3.55
C22 7S5 B . -8.08 -9.18 3.55
C23 7S5 B . -9.31 -9.50 4.23
C23 7S5 B . -9.30 -9.33 4.20
C24 7S5 B . -9.62 -10.83 4.67
C24 7S5 B . -9.71 -10.62 4.61
C26 7S5 B . -7.66 -11.65 3.74
C26 7S5 B . -7.76 -11.57 3.69
C27 7S5 B . -7.29 -10.38 3.29
C27 7S5 B . -7.30 -10.32 3.27
N03 7S5 B . -11.24 -1.61 3.77
N03 7S5 B . -11.14 -1.63 3.40
N05 7S5 B . -12.63 -2.85 2.12
N05 7S5 B . -12.36 -3.23 1.79
N13 7S5 B . -10.29 -3.62 2.76
N13 7S5 B . -10.11 -3.75 2.65
N18 7S5 B . -7.85 -4.15 3.54
N18 7S5 B . -7.73 -4.13 3.63
N21 7S5 B . -7.72 -7.93 3.01
N21 7S5 B . -7.60 -7.87 3.07
N25 7S5 B . -8.77 -11.84 4.41
N25 7S5 B . -8.92 -11.69 4.33
O01 7S5 B . -10.00 -0.59 5.19
O01 7S5 B . -9.90 -0.34 4.83
O29 7S5 B . -8.75 -6.51 4.54
O29 7S5 B . -8.79 -6.60 4.60
CL28 7S5 B . -5.83 -10.17 2.41
CL28 7S5 B . -5.79 -10.14 2.42
H101 7S5 B . -12.45 -8.23 4.57
H101 7S5 B . -14.86 2.36 -0.03
H111 7S5 B . -13.90 -6.37 5.12
H111 7S5 B . -13.43 2.04 1.85
H121 7S5 B . -14.07 -4.48 3.64
H121 7S5 B . -12.88 -0.14 2.61
H061 7S5 B . -12.10 -4.06 0.58
H061 7S5 B . -14.11 -2.63 2.46
H062 7S5 B . -13.65 -4.08 0.79
H062 7S5 B . -14.15 -3.10 0.97
H081 7S5 B . -11.35 -6.27 1.05
H081 7S5 B . -15.23 -1.73 -0.40
H091 7S5 B . -11.17 -8.17 2.52
H091 7S5 B . -15.78 0.45 -1.15
H161 7S5 B . -7.26 -1.82 5.57
H161 7S5 B . -7.25 -1.57 5.40
H171 7S5 B . -6.10 -3.86 4.64
H171 7S5 B . -6.02 -3.68 4.76
H191 7S5 B . -6.62 -5.40 2.68
H191 7S5 B . -6.45 -5.48 3.02
H192 7S5 B . -8.02 -5.31 1.92
H192 7S5 B . -7.74 -5.34 2.08
H231 7S5 B . -9.93 -8.78 4.43
H231 7S5 B . -9.86 -8.56 4.37
H241 7S5 B . -10.42 -11.03 5.16
H241 7S5 B . -10.52 -10.74 5.08
H261 7S5 B . -7.08 -12.41 3.57
H261 7S5 B . -7.23 -12.35 3.51
H031 7S5 B . -11.90 -0.98 3.92
H031 7S5 B . -11.83 -1.04 3.42
H051 7S5 B . -13.32 -2.26 2.27
H051 7S5 B . -12.24 -4.01 1.31
H211 7S5 B . -7.23 -7.92 2.26
H211 7S5 B . -7.03 -7.85 2.40
C FMT C . 9.33 -14.58 23.54
O1 FMT C . 8.26 -14.09 23.19
O2 FMT C . 9.43 -15.08 24.65
H FMT C . 10.17 -14.55 22.85
C FMT D . 7.28 9.90 -5.52
O1 FMT D . 7.37 9.32 -6.61
O2 FMT D . 7.99 9.61 -4.57
H FMT D . 6.67 10.80 -5.48
C FMT E . -4.88 -4.07 7.23
O1 FMT E . -5.83 -3.81 7.97
O2 FMT E . -3.87 -3.35 7.18
H FMT E . -4.82 -5.05 6.77
C FMT F . 10.95 -14.87 15.35
O1 FMT F . 9.92 -14.16 15.34
O2 FMT F . 10.98 -16.02 14.87
H FMT F . 11.87 -14.50 15.80
CL CL G . -4.12 -18.38 -6.25
#